data_5KRD
#
_entry.id   5KRD
#
_cell.length_a   155.049
_cell.length_b   155.049
_cell.length_c   89.005
_cell.angle_alpha   90.00
_cell.angle_beta   90.00
_cell.angle_gamma   120.00
#
_symmetry.space_group_name_H-M   'P 64 2 2'
#
loop_
_entity.id
_entity.type
_entity.pdbx_description
1 polymer Nitroreductase
2 non-polymer 'FLAVIN MONONUCLEOTIDE'
3 non-polymer 2-iodanylphenol
4 water water
#
_entity_poly.entity_id   1
_entity_poly.type   'polypeptide(L)'
_entity_poly.pdbx_seq_one_letter_code
;MKQKPAFIPYAGAQFEPEEMLSKSAEYYQFMDHRRTVREFSNRAIPLEVIENIVMTASTAPSGAHKQPWTFVVVSDPQIK
AKIRQAAEKEEFESYNGRMSNEWLEDLQPFGTDWHKPFLEIAPYLIVVFRKAYDVLPDGTQRKNYYVQESVGIACGFLLA
AIHQAGLVALTHTPSPMNFLQKILQRPENERPFLLVPVGYPAEGAMVPDLQRKDKAAVMVVYHHHHHH
;
_entity_poly.pdbx_strand_id   A,B
#
loop_
_chem_comp.id
_chem_comp.type
_chem_comp.name
_chem_comp.formula
6X8 non-polymer 2-iodanylphenol 'C6 H5 I O'
FMN non-polymer 'FLAVIN MONONUCLEOTIDE' 'C17 H21 N4 O9 P'
#
# COMPACT_ATOMS: atom_id res chain seq x y z
N ALA A 6 11.81 -48.22 11.18
CA ALA A 6 10.95 -48.85 10.18
C ALA A 6 11.07 -48.16 8.81
N PHE A 7 10.78 -48.93 7.77
CA PHE A 7 10.96 -48.52 6.38
C PHE A 7 9.71 -48.84 5.59
N ILE A 8 9.50 -48.08 4.53
CA ILE A 8 8.32 -48.19 3.72
C ILE A 8 8.75 -47.97 2.27
N PRO A 9 8.02 -48.54 1.33
CA PRO A 9 8.48 -48.48 -0.06
C PRO A 9 8.31 -47.07 -0.64
N TYR A 10 9.24 -46.61 -1.47
CA TYR A 10 9.11 -45.30 -2.10
C TYR A 10 7.91 -45.23 -3.05
N ALA A 11 7.09 -44.20 -2.89
CA ALA A 11 5.92 -44.02 -3.72
C ALA A 11 6.15 -42.85 -4.64
N GLY A 12 6.73 -43.12 -5.80
CA GLY A 12 7.06 -42.02 -6.72
C GLY A 12 6.73 -42.33 -8.16
N ALA A 13 6.18 -41.35 -8.86
CA ALA A 13 5.83 -41.54 -10.27
C ALA A 13 7.09 -41.45 -11.07
N GLN A 14 7.25 -42.34 -12.04
CA GLN A 14 8.35 -42.14 -12.96
C GLN A 14 7.85 -42.23 -14.40
N PHE A 15 8.69 -41.68 -15.28
CA PHE A 15 8.37 -41.41 -16.66
C PHE A 15 9.43 -41.97 -17.60
N GLU A 16 9.04 -42.13 -18.86
CA GLU A 16 10.02 -42.44 -19.89
C GLU A 16 10.94 -41.21 -20.20
N PRO A 17 12.16 -41.45 -20.70
CA PRO A 17 13.12 -40.39 -21.09
C PRO A 17 12.46 -39.29 -21.95
N GLU A 18 11.64 -39.65 -22.92
CA GLU A 18 10.99 -38.65 -23.76
C GLU A 18 10.13 -37.70 -22.92
N GLU A 19 9.44 -38.22 -21.91
CA GLU A 19 8.60 -37.38 -21.05
C GLU A 19 9.46 -36.56 -20.08
N MET A 20 10.56 -37.12 -19.58
CA MET A 20 11.44 -36.36 -18.69
C MET A 20 12.10 -35.19 -19.43
N LEU A 21 12.45 -35.41 -20.69
CA LEU A 21 12.94 -34.34 -21.56
C LEU A 21 11.92 -33.21 -21.65
N SER A 22 10.69 -33.51 -22.08
CA SER A 22 9.70 -32.44 -22.18
C SER A 22 9.39 -31.78 -20.83
N LYS A 23 9.22 -32.55 -19.75
CA LYS A 23 8.94 -31.95 -18.44
C LYS A 23 10.10 -31.08 -17.92
N SER A 24 11.33 -31.55 -18.10
CA SER A 24 12.48 -30.79 -17.55
C SER A 24 12.69 -29.48 -18.36
N ALA A 25 12.45 -29.54 -19.67
CA ALA A 25 12.52 -28.39 -20.54
C ALA A 25 11.43 -27.35 -20.23
N GLU A 26 10.21 -27.83 -20.03
CA GLU A 26 9.09 -26.96 -19.71
C GLU A 26 9.27 -26.31 -18.34
N TYR A 27 9.80 -27.04 -17.37
CA TYR A 27 9.99 -26.50 -16.06
C TYR A 27 11.10 -25.44 -16.04
N TYR A 28 12.19 -25.70 -16.74
CA TYR A 28 13.21 -24.70 -16.97
C TYR A 28 12.66 -23.40 -17.54
N GLN A 29 11.88 -23.48 -18.62
CA GLN A 29 11.27 -22.27 -19.18
C GLN A 29 10.36 -21.54 -18.18
N PHE A 30 9.54 -22.27 -17.43
CA PHE A 30 8.67 -21.69 -16.39
C PHE A 30 9.55 -20.92 -15.38
N MET A 31 10.56 -21.58 -14.86
CA MET A 31 11.38 -21.01 -13.78
C MET A 31 12.20 -19.83 -14.30
N ASP A 32 12.62 -19.88 -15.56
CA ASP A 32 13.38 -18.77 -16.13
C ASP A 32 12.59 -17.44 -16.16
N HIS A 33 11.26 -17.50 -16.10
CA HIS A 33 10.40 -16.30 -16.05
C HIS A 33 10.40 -15.65 -14.68
N ARG A 34 10.83 -16.40 -13.68
CA ARG A 34 10.87 -15.85 -12.32
C ARG A 34 11.85 -14.70 -12.25
N ARG A 35 11.42 -13.60 -11.67
CA ARG A 35 12.31 -12.47 -11.43
C ARG A 35 11.98 -11.91 -10.10
N THR A 36 13.03 -11.43 -9.44
CA THR A 36 12.85 -10.67 -8.22
C THR A 36 12.13 -9.37 -8.55
N VAL A 37 11.06 -9.10 -7.83
CA VAL A 37 10.24 -7.91 -7.98
C VAL A 37 10.26 -7.11 -6.70
N ARG A 38 10.37 -5.80 -6.83
CA ARG A 38 10.55 -4.87 -5.72
C ARG A 38 9.37 -3.89 -5.56
N GLU A 39 8.41 -3.97 -6.48
CA GLU A 39 7.19 -3.17 -6.46
C GLU A 39 5.93 -4.03 -6.48
N PHE A 40 5.24 -4.00 -5.36
CA PHE A 40 4.11 -4.85 -5.12
C PHE A 40 2.76 -4.14 -5.21
N SER A 41 1.73 -4.89 -5.60
CA SER A 41 0.39 -4.53 -5.31
C SER A 41 0.01 -4.92 -3.88
N ASN A 42 -0.90 -4.16 -3.27
CA ASN A 42 -1.44 -4.57 -1.97
C ASN A 42 -2.76 -5.36 -2.05
N ARG A 43 -3.07 -5.88 -3.22
CA ARG A 43 -4.15 -6.84 -3.40
C ARG A 43 -4.07 -8.03 -2.43
N ALA A 44 -5.23 -8.42 -1.91
CA ALA A 44 -5.29 -9.35 -0.80
C ALA A 44 -5.05 -10.76 -1.30
N ILE A 45 -4.45 -11.59 -0.45
CA ILE A 45 -4.20 -13.00 -0.77
C ILE A 45 -4.67 -13.85 0.40
N PRO A 46 -5.39 -14.94 0.11
CA PRO A 46 -5.82 -15.74 1.25
C PRO A 46 -4.63 -16.29 2.02
N LEU A 47 -4.72 -16.29 3.36
CA LEU A 47 -3.69 -16.85 4.21
C LEU A 47 -3.42 -18.32 3.85
N GLU A 48 -4.46 -19.07 3.46
CA GLU A 48 -4.32 -20.45 3.08
C GLU A 48 -3.29 -20.69 1.95
N VAL A 49 -3.17 -19.76 1.01
CA VAL A 49 -2.16 -19.81 -0.06
C VAL A 49 -0.78 -19.72 0.55
N ILE A 50 -0.57 -18.78 1.46
CA ILE A 50 0.75 -18.65 2.08
C ILE A 50 1.09 -19.88 2.95
N GLU A 51 0.11 -20.42 3.66
CA GLU A 51 0.33 -21.63 4.40
C GLU A 51 0.77 -22.81 3.50
N ASN A 52 0.11 -22.96 2.35
CA ASN A 52 0.46 -24.03 1.42
C ASN A 52 1.94 -23.86 1.02
N ILE A 53 2.33 -22.62 0.75
CA ILE A 53 3.66 -22.28 0.27
C ILE A 53 4.74 -22.56 1.36
N VAL A 54 4.43 -22.15 2.59
CA VAL A 54 5.35 -22.35 3.68
C VAL A 54 5.51 -23.85 4.00
N MET A 55 4.41 -24.58 4.02
CA MET A 55 4.51 -26.02 4.27
C MET A 55 5.18 -26.78 3.11
N THR A 56 5.14 -26.24 1.88
CA THR A 56 5.92 -26.76 0.77
C THR A 56 7.42 -26.56 1.01
N ALA A 57 7.78 -25.38 1.48
CA ALA A 57 9.16 -25.12 1.86
C ALA A 57 9.60 -26.12 2.92
N SER A 58 8.71 -26.43 3.83
CA SER A 58 9.04 -27.32 4.90
C SER A 58 9.17 -28.81 4.52
N THR A 59 8.81 -29.17 3.28
CA THR A 59 9.04 -30.53 2.79
C THR A 59 10.47 -30.73 2.35
N ALA A 60 11.31 -29.71 2.54
CA ALA A 60 12.69 -29.76 2.08
C ALA A 60 13.44 -30.80 2.90
N PRO A 61 14.48 -31.43 2.30
CA PRO A 61 15.33 -32.31 3.08
C PRO A 61 16.05 -31.49 4.15
N SER A 62 16.51 -32.14 5.19
CA SER A 62 17.34 -31.49 6.17
C SER A 62 18.29 -32.47 6.84
N GLY A 63 19.46 -31.97 7.21
CA GLY A 63 20.40 -32.69 8.06
C GLY A 63 19.72 -33.45 9.21
N ALA A 64 19.88 -34.77 9.18
CA ALA A 64 19.37 -35.66 10.19
C ALA A 64 17.84 -35.46 10.44
N HIS A 65 17.13 -35.03 9.40
CA HIS A 65 15.68 -34.79 9.49
C HIS A 65 15.27 -33.90 10.71
N LYS A 66 16.05 -32.85 11.00
CA LYS A 66 15.74 -31.95 12.07
C LYS A 66 14.81 -30.80 11.66
N GLN A 67 14.72 -30.50 10.35
CA GLN A 67 13.94 -29.39 9.85
C GLN A 67 14.21 -28.15 10.72
N PRO A 68 15.47 -27.71 10.74
CA PRO A 68 15.92 -26.68 11.67
C PRO A 68 15.51 -25.28 11.26
N TRP A 69 14.22 -25.05 11.13
CA TRP A 69 13.74 -23.77 10.61
C TRP A 69 12.41 -23.38 11.25
N THR A 70 12.18 -22.07 11.31
CA THR A 70 10.89 -21.50 11.73
C THR A 70 10.49 -20.50 10.65
N PHE A 71 9.25 -20.53 10.15
CA PHE A 71 8.77 -19.52 9.19
C PHE A 71 7.80 -18.59 9.94
N VAL A 72 8.14 -17.30 10.03
CA VAL A 72 7.26 -16.35 10.67
C VAL A 72 6.53 -15.59 9.56
N VAL A 73 5.21 -15.76 9.51
CA VAL A 73 4.43 -15.08 8.51
C VAL A 73 3.85 -13.80 9.13
N VAL A 74 4.14 -12.64 8.56
CA VAL A 74 3.60 -11.37 9.09
C VAL A 74 2.70 -10.67 8.11
N SER A 75 1.43 -10.52 8.45
CA SER A 75 0.51 -9.65 7.69
C SER A 75 0.04 -8.44 8.50
N ASP A 76 0.30 -8.44 9.81
CA ASP A 76 -0.05 -7.34 10.70
C ASP A 76 0.63 -6.02 10.28
N PRO A 77 -0.19 -5.01 9.90
CA PRO A 77 0.35 -3.75 9.36
C PRO A 77 1.21 -2.94 10.33
N GLN A 78 0.97 -2.99 11.64
CA GLN A 78 1.83 -2.28 12.57
C GLN A 78 3.18 -2.95 12.78
N ILE A 79 3.24 -4.27 12.67
CA ILE A 79 4.53 -4.95 12.78
C ILE A 79 5.31 -4.72 11.50
N LYS A 80 4.63 -4.79 10.36
CA LYS A 80 5.28 -4.49 9.11
C LYS A 80 5.81 -3.07 9.08
N ALA A 81 5.06 -2.10 9.61
CA ALA A 81 5.51 -0.70 9.64
C ALA A 81 6.75 -0.54 10.52
N LYS A 82 6.79 -1.25 11.65
CA LYS A 82 7.93 -1.14 12.53
C LYS A 82 9.19 -1.79 11.99
N ILE A 83 9.03 -2.91 11.29
CA ILE A 83 10.10 -3.56 10.60
C ILE A 83 10.62 -2.65 9.48
N ARG A 84 9.72 -2.09 8.67
CA ARG A 84 10.15 -1.14 7.64
C ARG A 84 10.96 0.03 8.19
N GLN A 85 10.46 0.63 9.27
CA GLN A 85 11.11 1.75 9.89
C GLN A 85 12.53 1.36 10.31
N ALA A 86 12.67 0.23 10.97
CA ALA A 86 13.98 -0.15 11.44
C ALA A 86 14.89 -0.55 10.28
N ALA A 87 14.35 -1.26 9.28
CA ALA A 87 15.14 -1.62 8.11
C ALA A 87 15.69 -0.37 7.37
N GLU A 88 14.81 0.61 7.18
CA GLU A 88 15.19 1.83 6.50
C GLU A 88 16.25 2.55 7.35
N LYS A 89 16.01 2.66 8.66
CA LYS A 89 16.95 3.39 9.52
C LYS A 89 18.36 2.80 9.45
N GLU A 90 18.46 1.49 9.43
CA GLU A 90 19.76 0.87 9.47
C GLU A 90 20.50 1.08 8.15
N GLU A 91 19.80 0.90 7.03
CA GLU A 91 20.43 1.02 5.70
C GLU A 91 20.86 2.47 5.43
N PHE A 92 20.20 3.42 6.08
CA PHE A 92 20.57 4.82 5.92
C PHE A 92 21.94 5.09 6.54
N GLU A 93 22.05 4.83 7.85
CA GLU A 93 23.26 5.14 8.62
C GLU A 93 24.57 4.67 7.97
N SER A 94 24.67 3.38 7.67
CA SER A 94 25.90 2.85 7.12
C SER A 94 26.22 3.46 5.75
N ASP A 113 18.30 1.72 -3.05
CA ASP A 113 17.87 2.83 -2.21
C ASP A 113 17.46 2.35 -0.80
N TRP A 114 17.46 3.26 0.17
CA TRP A 114 17.01 2.94 1.52
C TRP A 114 15.53 3.24 1.72
N HIS A 115 14.80 3.41 0.63
CA HIS A 115 13.35 3.55 0.65
C HIS A 115 12.80 2.13 0.50
N LYS A 116 12.04 1.62 1.48
CA LYS A 116 11.55 0.24 1.39
C LYS A 116 10.04 0.09 1.61
N PRO A 117 9.23 0.74 0.77
CA PRO A 117 7.77 0.64 0.96
C PRO A 117 7.24 -0.78 0.79
N PHE A 118 7.97 -1.64 0.07
CA PHE A 118 7.53 -3.03 -0.12
C PHE A 118 7.36 -3.77 1.20
N LEU A 119 8.08 -3.35 2.23
CA LEU A 119 7.97 -4.04 3.52
C LEU A 119 6.59 -3.87 4.13
N GLU A 120 5.84 -2.88 3.64
CA GLU A 120 4.49 -2.61 4.11
C GLU A 120 3.45 -2.88 3.03
N ILE A 121 3.77 -2.61 1.78
CA ILE A 121 2.76 -2.81 0.74
C ILE A 121 2.52 -4.32 0.50
N ALA A 122 3.59 -5.12 0.39
CA ALA A 122 3.39 -6.58 0.29
C ALA A 122 2.48 -7.05 1.42
N PRO A 123 1.44 -7.84 1.07
CA PRO A 123 0.51 -8.29 2.10
C PRO A 123 1.11 -9.23 3.13
N TYR A 124 2.17 -9.96 2.75
CA TYR A 124 2.87 -10.81 3.68
C TYR A 124 4.36 -10.61 3.62
N LEU A 125 4.97 -10.69 4.79
CA LEU A 125 6.40 -10.87 4.93
C LEU A 125 6.64 -12.26 5.47
N ILE A 126 7.46 -13.07 4.84
CA ILE A 126 7.88 -14.31 5.45
C ILE A 126 9.29 -14.13 5.95
N VAL A 127 9.49 -14.32 7.24
CA VAL A 127 10.80 -14.21 7.85
C VAL A 127 11.30 -15.57 8.25
N VAL A 128 12.36 -16.02 7.62
CA VAL A 128 12.88 -17.34 7.84
C VAL A 128 13.95 -17.25 8.91
N PHE A 129 13.80 -18.06 9.94
CA PHE A 129 14.75 -18.20 11.03
C PHE A 129 15.40 -19.55 10.93
N ARG A 130 16.72 -19.62 11.16
CA ARG A 130 17.41 -20.89 11.29
C ARG A 130 17.56 -21.32 12.75
N LYS A 131 17.50 -22.64 13.01
CA LYS A 131 17.67 -23.16 14.37
C LYS A 131 19.00 -23.86 14.53
N ALA A 132 19.92 -23.27 15.27
CA ALA A 132 21.25 -23.86 15.45
C ALA A 132 21.22 -25.14 16.26
N TYR A 133 20.34 -25.18 17.25
CA TYR A 133 20.14 -26.37 18.06
C TYR A 133 18.68 -26.48 18.49
N ASP A 134 18.31 -27.64 18.98
CA ASP A 134 16.99 -27.82 19.56
C ASP A 134 17.14 -27.87 21.08
N VAL A 135 16.13 -27.40 21.76
CA VAL A 135 16.09 -27.45 23.22
C VAL A 135 15.07 -28.47 23.69
N LEU A 136 15.55 -29.60 24.20
CA LEU A 136 14.66 -30.61 24.74
C LEU A 136 13.76 -29.99 25.80
N PRO A 137 12.61 -30.63 26.07
CA PRO A 137 11.72 -30.04 27.08
C PRO A 137 12.37 -30.04 28.47
N ASP A 138 13.48 -30.77 28.60
CA ASP A 138 14.22 -30.89 29.86
C ASP A 138 15.47 -29.98 29.95
N GLY A 139 15.45 -28.85 29.23
CA GLY A 139 16.52 -27.86 29.31
C GLY A 139 17.73 -28.06 28.41
N THR A 140 18.20 -29.30 28.26
CA THR A 140 19.40 -29.57 27.48
C THR A 140 19.28 -29.26 25.98
N GLN A 141 20.42 -29.23 25.32
CA GLN A 141 20.49 -28.82 23.93
C GLN A 141 20.91 -29.99 23.07
N ARG A 142 20.46 -30.00 21.82
CA ARG A 142 20.95 -30.98 20.84
C ARG A 142 21.29 -30.25 19.54
N LYS A 143 22.54 -30.40 19.09
CA LYS A 143 23.00 -29.73 17.87
C LYS A 143 22.21 -30.19 16.65
N ASN A 144 21.91 -29.24 15.76
CA ASN A 144 21.34 -29.57 14.45
C ASN A 144 22.48 -29.65 13.45
N TYR A 145 22.25 -30.25 12.30
CA TYR A 145 23.33 -30.55 11.38
C TYR A 145 23.11 -29.91 10.01
N TYR A 146 24.18 -29.36 9.44
CA TYR A 146 24.16 -28.67 8.16
C TYR A 146 22.96 -27.74 8.05
N VAL A 147 22.86 -26.82 9.02
CA VAL A 147 21.73 -25.90 9.16
C VAL A 147 21.67 -24.87 8.03
N GLN A 148 22.79 -24.21 7.73
CA GLN A 148 22.76 -23.16 6.71
C GLN A 148 22.36 -23.74 5.35
N GLU A 149 22.87 -24.93 5.06
CA GLU A 149 22.53 -25.62 3.82
C GLU A 149 21.06 -26.02 3.79
N SER A 150 20.60 -26.63 4.88
CA SER A 150 19.25 -27.17 4.98
C SER A 150 18.22 -26.04 4.83
N VAL A 151 18.44 -24.95 5.56
CA VAL A 151 17.51 -23.81 5.54
C VAL A 151 17.58 -23.12 4.19
N GLY A 152 18.77 -23.01 3.61
CA GLY A 152 18.85 -22.45 2.27
C GLY A 152 18.03 -23.25 1.27
N ILE A 153 18.14 -24.58 1.37
CA ILE A 153 17.36 -25.43 0.47
C ILE A 153 15.86 -25.18 0.63
N ALA A 154 15.40 -25.13 1.88
CA ALA A 154 14.03 -24.82 2.17
C ALA A 154 13.59 -23.46 1.61
N CYS A 155 14.44 -22.44 1.68
CA CYS A 155 14.16 -21.16 1.03
C CYS A 155 14.02 -21.28 -0.49
N GLY A 156 14.87 -22.11 -1.09
CA GLY A 156 14.67 -22.51 -2.46
C GLY A 156 13.30 -23.08 -2.76
N PHE A 157 12.81 -24.00 -1.95
CA PHE A 157 11.49 -24.56 -2.14
C PHE A 157 10.42 -23.50 -1.95
N LEU A 158 10.65 -22.64 -0.95
CA LEU A 158 9.75 -21.50 -0.72
C LEU A 158 9.57 -20.66 -1.99
N LEU A 159 10.68 -20.22 -2.58
CA LEU A 159 10.62 -19.36 -3.76
C LEU A 159 9.99 -20.06 -4.98
N ALA A 160 10.24 -21.36 -5.13
CA ALA A 160 9.64 -22.14 -6.23
C ALA A 160 8.13 -22.24 -6.06
N ALA A 161 7.69 -22.37 -4.82
CA ALA A 161 6.28 -22.51 -4.50
C ALA A 161 5.56 -21.18 -4.73
N ILE A 162 6.23 -20.10 -4.42
CA ILE A 162 5.72 -18.76 -4.64
C ILE A 162 5.46 -18.52 -6.12
N HIS A 163 6.45 -18.88 -6.93
CA HIS A 163 6.36 -18.76 -8.36
C HIS A 163 5.25 -19.64 -8.92
N GLN A 164 5.19 -20.89 -8.42
CA GLN A 164 4.18 -21.84 -8.83
C GLN A 164 2.78 -21.30 -8.60
N ALA A 165 2.61 -20.58 -7.49
CA ALA A 165 1.31 -20.04 -7.12
C ALA A 165 0.91 -18.84 -7.97
N GLY A 166 1.84 -18.27 -8.74
CA GLY A 166 1.59 -17.07 -9.48
C GLY A 166 1.92 -15.77 -8.74
N LEU A 167 2.64 -15.85 -7.62
CA LEU A 167 3.07 -14.66 -6.91
C LEU A 167 4.52 -14.30 -7.19
N VAL A 168 4.95 -13.15 -6.62
CA VAL A 168 6.32 -12.67 -6.75
C VAL A 168 6.83 -12.40 -5.36
N ALA A 169 8.13 -12.25 -5.29
CA ALA A 169 8.78 -12.11 -4.01
C ALA A 169 10.03 -11.26 -4.19
N LEU A 170 10.52 -10.77 -3.07
CA LEU A 170 11.76 -10.06 -3.04
C LEU A 170 12.68 -10.75 -2.04
N THR A 171 13.68 -11.47 -2.51
CA THR A 171 14.56 -12.13 -1.55
C THR A 171 15.42 -11.08 -0.93
N HIS A 172 15.42 -10.98 0.39
CA HIS A 172 16.02 -9.82 1.09
C HIS A 172 16.86 -10.22 2.34
N THR A 173 17.97 -9.50 2.54
CA THR A 173 18.81 -9.69 3.72
CA THR A 173 18.81 -9.70 3.72
C THR A 173 17.98 -9.62 5.00
N PRO A 174 18.29 -10.45 6.00
CA PRO A 174 17.50 -10.40 7.23
C PRO A 174 17.87 -9.25 8.16
N SER A 175 17.61 -8.00 7.79
CA SER A 175 18.12 -6.88 8.57
C SER A 175 17.02 -5.88 8.94
N PRO A 176 17.16 -5.23 10.11
CA PRO A 176 18.23 -5.41 11.10
C PRO A 176 18.01 -6.70 11.86
N MET A 177 19.05 -7.50 12.01
CA MET A 177 18.89 -8.82 12.57
C MET A 177 18.30 -8.83 13.99
N ASN A 178 18.79 -7.96 14.87
CA ASN A 178 18.37 -8.00 16.25
C ASN A 178 16.96 -7.54 16.42
N PHE A 179 16.56 -6.59 15.61
CA PHE A 179 15.24 -6.04 15.72
C PHE A 179 14.20 -7.09 15.34
N LEU A 180 14.47 -7.79 14.24
CA LEU A 180 13.62 -8.88 13.80
C LEU A 180 13.47 -9.98 14.83
N GLN A 181 14.56 -10.36 15.47
CA GLN A 181 14.51 -11.35 16.52
C GLN A 181 13.65 -10.93 17.72
N LYS A 182 13.68 -9.64 18.05
CA LYS A 182 12.94 -9.12 19.18
C LYS A 182 11.47 -8.92 18.84
N ILE A 183 11.16 -8.21 17.78
CA ILE A 183 9.77 -7.90 17.53
C ILE A 183 8.96 -9.17 17.17
N LEU A 184 9.64 -10.20 16.66
CA LEU A 184 8.97 -11.45 16.31
C LEU A 184 9.16 -12.51 17.39
N GLN A 185 9.79 -12.09 18.48
CA GLN A 185 9.87 -12.85 19.71
C GLN A 185 10.37 -14.27 19.57
N ARG A 186 11.46 -14.46 18.85
CA ARG A 186 12.00 -15.77 18.65
C ARG A 186 13.11 -16.03 19.68
N PRO A 187 13.27 -17.30 20.12
CA PRO A 187 14.19 -17.66 21.19
C PRO A 187 15.66 -17.70 20.74
N GLU A 188 16.56 -17.93 21.69
CA GLU A 188 17.98 -17.81 21.45
C GLU A 188 18.55 -18.83 20.47
N ASN A 189 17.95 -20.00 20.37
CA ASN A 189 18.49 -21.02 19.48
C ASN A 189 18.23 -20.71 18.00
N GLU A 190 17.52 -19.61 17.75
CA GLU A 190 17.14 -19.19 16.42
C GLU A 190 17.80 -17.86 16.00
N ARG A 191 18.02 -17.69 14.71
CA ARG A 191 18.49 -16.42 14.17
C ARG A 191 17.85 -16.17 12.82
N PRO A 192 17.54 -14.91 12.50
CA PRO A 192 17.00 -14.58 11.19
C PRO A 192 17.98 -14.96 10.07
N PHE A 193 17.46 -15.50 8.99
CA PHE A 193 18.20 -16.08 7.88
C PHE A 193 17.90 -15.35 6.58
N LEU A 194 16.62 -15.14 6.31
CA LEU A 194 16.18 -14.37 5.15
C LEU A 194 14.85 -13.69 5.40
N LEU A 195 14.62 -12.63 4.65
CA LEU A 195 13.39 -11.87 4.74
C LEU A 195 12.74 -11.81 3.35
N VAL A 196 11.50 -12.26 3.26
CA VAL A 196 10.81 -12.46 1.97
C VAL A 196 9.42 -11.83 1.90
N PRO A 197 9.31 -10.59 1.40
CA PRO A 197 8.04 -10.02 1.02
C PRO A 197 7.43 -10.81 -0.11
N VAL A 198 6.13 -11.04 -0.03
CA VAL A 198 5.37 -11.81 -1.02
C VAL A 198 4.08 -11.11 -1.36
N GLY A 199 3.71 -11.12 -2.66
CA GLY A 199 2.44 -10.62 -3.13
C GLY A 199 2.30 -10.65 -4.64
N TYR A 200 1.21 -10.07 -5.14
CA TYR A 200 1.08 -9.77 -6.55
C TYR A 200 2.05 -8.67 -6.92
N PRO A 201 2.56 -8.67 -8.17
CA PRO A 201 3.37 -7.54 -8.60
C PRO A 201 2.52 -6.29 -8.83
N ALA A 202 3.07 -5.11 -8.65
CA ALA A 202 2.39 -3.88 -9.09
C ALA A 202 2.17 -3.90 -10.59
N GLU A 203 1.04 -3.37 -11.07
CA GLU A 203 0.80 -3.23 -12.52
C GLU A 203 1.97 -2.46 -13.17
N GLY A 204 2.47 -2.94 -14.28
CA GLY A 204 3.68 -2.36 -14.85
C GLY A 204 4.87 -2.25 -13.90
N ALA A 205 5.01 -3.20 -12.97
CA ALA A 205 6.29 -3.39 -12.24
C ALA A 205 7.41 -3.55 -13.26
N MET A 206 8.58 -3.00 -12.95
CA MET A 206 9.77 -3.12 -13.80
C MET A 206 10.86 -3.93 -13.11
N VAL A 207 11.68 -4.64 -13.87
CA VAL A 207 12.83 -5.33 -13.33
C VAL A 207 14.05 -4.89 -14.09
N PRO A 208 15.24 -4.99 -13.50
CA PRO A 208 16.40 -4.68 -14.32
C PRO A 208 16.65 -5.71 -15.41
N ASP A 209 17.20 -5.20 -16.49
CA ASP A 209 17.46 -6.03 -17.63
C ASP A 209 18.78 -6.82 -17.54
N LEU A 210 18.73 -7.85 -16.72
CA LEU A 210 19.85 -8.70 -16.42
C LEU A 210 19.88 -9.89 -17.35
N GLN A 211 21.03 -10.50 -17.46
CA GLN A 211 21.21 -11.75 -18.19
C GLN A 211 21.84 -12.77 -17.25
N ARG A 212 21.22 -13.94 -17.17
CA ARG A 212 21.77 -15.08 -16.44
C ARG A 212 22.95 -15.68 -17.20
N LYS A 213 23.88 -16.21 -16.42
CA LYS A 213 25.03 -16.92 -16.94
C LYS A 213 24.65 -18.07 -17.86
N ASP A 214 25.39 -18.22 -18.95
CA ASP A 214 25.22 -19.35 -19.87
C ASP A 214 25.77 -20.67 -19.31
N LYS A 215 25.43 -21.79 -19.96
CA LYS A 215 25.83 -23.10 -19.45
C LYS A 215 27.33 -23.22 -19.18
N ALA A 216 28.14 -22.71 -20.07
CA ALA A 216 29.59 -22.86 -19.92
C ALA A 216 30.13 -22.06 -18.72
N ALA A 217 29.40 -21.06 -18.23
CA ALA A 217 29.90 -20.26 -17.14
C ALA A 217 29.45 -20.83 -15.76
N VAL A 218 28.57 -21.84 -15.73
CA VAL A 218 28.06 -22.38 -14.48
C VAL A 218 28.14 -23.88 -14.38
N MET A 219 28.48 -24.55 -15.47
CA MET A 219 28.36 -25.99 -15.53
C MET A 219 29.59 -26.59 -16.14
N VAL A 220 30.07 -27.67 -15.53
CA VAL A 220 31.23 -28.44 -16.02
C VAL A 220 30.80 -29.88 -16.08
N VAL A 221 31.04 -30.55 -17.21
CA VAL A 221 30.58 -31.95 -17.37
C VAL A 221 31.74 -32.89 -17.58
N TYR A 222 31.86 -33.92 -16.75
CA TYR A 222 32.87 -34.93 -16.95
C TYR A 222 32.27 -36.13 -17.65
N HIS A 223 32.63 -36.30 -18.92
CA HIS A 223 32.10 -37.29 -19.84
C HIS A 223 30.60 -37.18 -19.94
N ALA B 6 -20.41 43.36 -18.52
CA ALA B 6 -20.83 42.48 -19.61
C ALA B 6 -21.60 41.22 -19.12
N PHE B 7 -22.77 40.98 -19.71
CA PHE B 7 -23.68 39.91 -19.30
C PHE B 7 -24.12 39.02 -20.47
N ILE B 8 -24.53 37.81 -20.14
CA ILE B 8 -24.96 36.83 -21.12
C ILE B 8 -26.12 35.99 -20.60
N PRO B 9 -27.00 35.54 -21.51
CA PRO B 9 -28.22 34.88 -21.04
C PRO B 9 -27.89 33.58 -20.41
N TYR B 10 -28.57 33.23 -19.32
CA TYR B 10 -28.27 31.99 -18.65
C TYR B 10 -28.78 30.81 -19.50
N ALA B 11 -27.97 29.78 -19.61
CA ALA B 11 -28.29 28.60 -20.42
C ALA B 11 -28.28 27.38 -19.55
N GLY B 12 -29.43 26.75 -19.40
CA GLY B 12 -29.49 25.56 -18.59
C GLY B 12 -30.68 24.70 -18.88
N ALA B 13 -30.56 23.43 -18.56
CA ALA B 13 -31.64 22.48 -18.68
C ALA B 13 -32.64 22.64 -17.56
N GLN B 14 -33.90 22.82 -17.94
CA GLN B 14 -35.01 22.78 -17.00
C GLN B 14 -35.83 21.52 -17.19
N PHE B 15 -36.41 21.05 -16.10
CA PHE B 15 -37.27 19.88 -16.11
C PHE B 15 -38.59 20.19 -15.50
N GLU B 16 -39.59 19.40 -15.88
CA GLU B 16 -40.90 19.44 -15.24
C GLU B 16 -40.82 18.83 -13.84
N PRO B 17 -41.74 19.23 -12.95
CA PRO B 17 -41.75 18.76 -11.55
C PRO B 17 -41.66 17.24 -11.39
N GLU B 18 -42.38 16.46 -12.21
CA GLU B 18 -42.34 15.00 -12.11
C GLU B 18 -40.92 14.53 -12.25
N GLU B 19 -40.18 15.20 -13.13
CA GLU B 19 -38.83 14.75 -13.51
C GLU B 19 -37.73 15.24 -12.56
N MET B 20 -37.89 16.44 -12.00
CA MET B 20 -37.01 16.90 -10.92
C MET B 20 -37.07 15.95 -9.74
N LEU B 21 -38.28 15.44 -9.50
CA LEU B 21 -38.54 14.60 -8.33
C LEU B 21 -37.79 13.27 -8.41
N SER B 22 -37.85 12.60 -9.55
CA SER B 22 -37.07 11.38 -9.69
C SER B 22 -35.58 11.70 -9.72
N LYS B 23 -35.20 12.77 -10.40
CA LYS B 23 -33.80 13.16 -10.45
C LYS B 23 -33.27 13.42 -9.06
N SER B 24 -34.03 14.14 -8.23
CA SER B 24 -33.51 14.49 -6.93
C SER B 24 -33.50 13.28 -6.02
N ALA B 25 -34.48 12.38 -6.17
CA ALA B 25 -34.53 11.14 -5.38
C ALA B 25 -33.40 10.17 -5.76
N GLU B 26 -33.18 9.99 -7.05
CA GLU B 26 -32.11 9.16 -7.53
C GLU B 26 -30.74 9.71 -7.10
N TYR B 27 -30.57 11.03 -7.11
CA TYR B 27 -29.28 11.58 -6.72
C TYR B 27 -29.06 11.39 -5.20
N TYR B 28 -30.12 11.56 -4.41
CA TYR B 28 -30.03 11.36 -2.98
C TYR B 28 -29.63 9.92 -2.64
N GLN B 29 -30.26 8.94 -3.27
CA GLN B 29 -29.86 7.55 -3.05
C GLN B 29 -28.39 7.34 -3.36
N PHE B 30 -27.98 7.78 -4.54
CA PHE B 30 -26.59 7.67 -4.98
C PHE B 30 -25.61 8.29 -3.97
N MET B 31 -25.88 9.51 -3.51
CA MET B 31 -24.95 10.17 -2.59
C MET B 31 -24.98 9.48 -1.24
N ASP B 32 -26.11 8.91 -0.87
CA ASP B 32 -26.17 8.22 0.40
C ASP B 32 -25.22 6.98 0.47
N HIS B 33 -24.83 6.42 -0.67
CA HIS B 33 -23.87 5.29 -0.71
C HIS B 33 -22.45 5.73 -0.40
N ARG B 34 -22.17 7.04 -0.48
CA ARG B 34 -20.83 7.56 -0.21
C ARG B 34 -20.47 7.32 1.26
N ARG B 35 -19.28 6.77 1.49
CA ARG B 35 -18.71 6.65 2.80
C ARG B 35 -17.23 7.02 2.76
N THR B 36 -16.76 7.66 3.81
CA THR B 36 -15.35 7.87 4.05
C THR B 36 -14.64 6.52 4.25
N VAL B 37 -13.59 6.30 3.49
CA VAL B 37 -12.86 5.04 3.47
C VAL B 37 -11.43 5.34 3.89
N ARG B 38 -10.90 4.49 4.75
CA ARG B 38 -9.58 4.70 5.31
C ARG B 38 -8.57 3.59 4.90
N GLU B 39 -9.01 2.61 4.14
CA GLU B 39 -8.13 1.58 3.59
C GLU B 39 -8.21 1.53 2.08
N PHE B 40 -7.10 1.92 1.47
CA PHE B 40 -7.01 2.08 0.06
C PHE B 40 -6.27 0.95 -0.65
N SER B 41 -6.65 0.72 -1.89
CA SER B 41 -5.82 -0.05 -2.81
C SER B 41 -4.76 0.87 -3.39
N ASN B 42 -3.59 0.32 -3.70
CA ASN B 42 -2.59 1.15 -4.37
C ASN B 42 -2.66 1.03 -5.87
N ARG B 43 -3.77 0.53 -6.38
CA ARG B 43 -3.98 0.53 -7.83
C ARG B 43 -3.89 1.95 -8.46
N ALA B 44 -3.26 2.05 -9.62
CA ALA B 44 -2.98 3.35 -10.20
C ALA B 44 -4.23 3.95 -10.85
N ILE B 45 -4.22 5.27 -10.97
CA ILE B 45 -5.36 6.00 -11.51
C ILE B 45 -4.76 7.04 -12.45
N PRO B 46 -5.29 7.15 -13.68
CA PRO B 46 -4.72 8.17 -14.56
C PRO B 46 -4.82 9.58 -13.98
N LEU B 47 -3.78 10.37 -14.16
CA LEU B 47 -3.75 11.71 -13.66
C LEU B 47 -4.92 12.55 -14.25
N GLU B 48 -5.36 12.23 -15.47
CA GLU B 48 -6.42 13.01 -16.09
C GLU B 48 -7.76 12.91 -15.33
N VAL B 49 -8.04 11.77 -14.71
CA VAL B 49 -9.21 11.63 -13.84
C VAL B 49 -9.15 12.64 -12.68
N ILE B 50 -8.03 12.67 -11.96
CA ILE B 50 -7.80 13.59 -10.86
C ILE B 50 -7.89 15.04 -11.36
N GLU B 51 -7.36 15.31 -12.56
CA GLU B 51 -7.45 16.63 -13.17
C GLU B 51 -8.91 17.04 -13.37
N ASN B 52 -9.72 16.17 -13.95
CA ASN B 52 -11.16 16.41 -14.10
C ASN B 52 -11.88 16.63 -12.77
N ILE B 53 -11.48 15.89 -11.74
CA ILE B 53 -12.09 15.99 -10.43
C ILE B 53 -11.76 17.33 -9.77
N VAL B 54 -10.51 17.77 -9.94
CA VAL B 54 -10.04 19.01 -9.33
C VAL B 54 -10.65 20.21 -10.04
N MET B 55 -10.77 20.13 -11.35
CA MET B 55 -11.37 21.23 -12.11
C MET B 55 -12.87 21.29 -11.88
N THR B 56 -13.49 20.16 -11.58
CA THR B 56 -14.90 20.15 -11.20
C THR B 56 -15.04 20.92 -9.88
N ALA B 57 -14.05 20.78 -9.02
CA ALA B 57 -14.16 21.35 -7.70
C ALA B 57 -14.03 22.84 -7.87
N SER B 58 -13.20 23.21 -8.85
CA SER B 58 -12.91 24.60 -9.14
C SER B 58 -14.06 25.35 -9.83
N THR B 59 -15.11 24.64 -10.27
CA THR B 59 -16.34 25.31 -10.78
C THR B 59 -17.25 25.86 -9.64
N ALA B 60 -16.83 25.68 -8.39
CA ALA B 60 -17.63 26.08 -7.24
C ALA B 60 -17.81 27.60 -7.26
N PRO B 61 -18.92 28.09 -6.70
CA PRO B 61 -19.05 29.54 -6.54
C PRO B 61 -18.00 30.03 -5.54
N SER B 62 -17.75 31.33 -5.53
CA SER B 62 -16.80 31.93 -4.58
C SER B 62 -17.03 33.42 -4.41
N GLY B 63 -16.77 33.92 -3.21
CA GLY B 63 -16.95 35.34 -2.90
C GLY B 63 -16.24 36.17 -3.95
N ALA B 64 -17.01 37.03 -4.59
CA ALA B 64 -16.49 37.95 -5.58
C ALA B 64 -15.75 37.25 -6.72
N HIS B 65 -16.09 35.99 -6.98
CA HIS B 65 -15.46 35.23 -8.04
C HIS B 65 -13.93 35.20 -7.89
N LYS B 66 -13.42 35.31 -6.67
CA LYS B 66 -11.97 35.19 -6.48
C LYS B 66 -11.40 33.77 -6.64
N GLN B 67 -12.25 32.72 -6.55
CA GLN B 67 -11.78 31.30 -6.50
C GLN B 67 -10.50 31.15 -5.64
N PRO B 68 -10.63 31.44 -4.35
CA PRO B 68 -9.47 31.61 -3.47
C PRO B 68 -8.93 30.28 -2.96
N TRP B 69 -8.47 29.42 -3.86
CA TRP B 69 -8.00 28.08 -3.52
C TRP B 69 -6.86 27.59 -4.43
N THR B 70 -6.08 26.66 -3.90
CA THR B 70 -5.07 25.95 -4.67
C THR B 70 -5.17 24.48 -4.32
N PHE B 71 -5.19 23.62 -5.34
CA PHE B 71 -5.31 22.20 -5.12
C PHE B 71 -3.95 21.60 -5.45
N VAL B 72 -3.25 21.10 -4.46
CA VAL B 72 -1.95 20.48 -4.67
C VAL B 72 -2.13 18.97 -4.72
N VAL B 73 -1.85 18.39 -5.87
CA VAL B 73 -2.00 16.98 -6.14
C VAL B 73 -0.65 16.27 -5.96
N VAL B 74 -0.55 15.35 -5.01
CA VAL B 74 0.70 14.69 -4.73
C VAL B 74 0.61 13.20 -5.04
N SER B 75 1.38 12.74 -6.03
CA SER B 75 1.57 11.30 -6.28
C SER B 75 3.00 10.85 -5.97
N ASP B 76 3.93 11.79 -5.80
CA ASP B 76 5.33 11.47 -5.44
C ASP B 76 5.48 10.65 -4.15
N PRO B 77 5.99 9.40 -4.25
CA PRO B 77 5.97 8.50 -3.07
C PRO B 77 6.83 9.02 -1.93
N GLN B 78 7.84 9.83 -2.23
CA GLN B 78 8.69 10.33 -1.17
C GLN B 78 8.12 11.55 -0.46
N ILE B 79 7.40 12.39 -1.18
CA ILE B 79 6.72 13.49 -0.53
C ILE B 79 5.65 12.88 0.36
N LYS B 80 4.98 11.88 -0.19
CA LYS B 80 3.92 11.21 0.53
C LYS B 80 4.45 10.57 1.80
N ALA B 81 5.59 9.89 1.70
CA ALA B 81 6.21 9.25 2.86
C ALA B 81 6.55 10.29 3.92
N LYS B 82 7.09 11.44 3.50
CA LYS B 82 7.43 12.47 4.46
C LYS B 82 6.19 13.09 5.12
N ILE B 83 5.13 13.30 4.34
CA ILE B 83 3.87 13.79 4.92
C ILE B 83 3.33 12.76 5.93
N ARG B 84 3.34 11.48 5.58
CA ARG B 84 2.86 10.47 6.52
C ARG B 84 3.67 10.49 7.84
N GLN B 85 4.99 10.53 7.75
CA GLN B 85 5.80 10.55 8.96
C GLN B 85 5.53 11.76 9.85
N ALA B 86 5.49 12.94 9.23
CA ALA B 86 5.19 14.18 9.95
C ALA B 86 3.82 14.08 10.59
N ALA B 87 2.85 13.62 9.82
CA ALA B 87 1.50 13.50 10.29
C ALA B 87 1.42 12.57 11.48
N GLU B 88 2.08 11.41 11.38
CA GLU B 88 2.09 10.40 12.44
C GLU B 88 2.82 10.90 13.68
N LYS B 89 3.96 11.55 13.50
CA LYS B 89 4.71 12.08 14.63
C LYS B 89 3.88 13.12 15.41
N GLU B 90 3.11 13.94 14.73
CA GLU B 90 2.37 14.98 15.43
C GLU B 90 1.29 14.35 16.30
N GLU B 91 0.59 13.36 15.76
CA GLU B 91 -0.51 12.73 16.48
C GLU B 91 -0.03 12.00 17.73
N PHE B 92 1.07 11.27 17.58
CA PHE B 92 1.69 10.53 18.67
C PHE B 92 2.04 11.50 19.82
N GLU B 93 2.23 12.77 19.49
CA GLU B 93 2.52 13.78 20.50
C GLU B 93 1.25 14.54 20.90
N SER B 94 0.56 13.98 21.90
CA SER B 94 -0.60 14.61 22.51
C SER B 94 -0.89 13.92 23.84
N ASP B 113 -5.57 7.89 15.82
CA ASP B 113 -4.52 6.88 15.70
C ASP B 113 -3.21 7.50 15.16
N TRP B 114 -2.10 6.87 15.51
CA TRP B 114 -0.77 7.32 15.12
C TRP B 114 -0.28 6.45 13.96
N HIS B 115 -1.24 5.86 13.25
CA HIS B 115 -0.93 4.93 12.18
C HIS B 115 -1.73 5.34 10.94
N LYS B 116 -1.04 5.90 9.95
CA LYS B 116 -1.71 6.56 8.81
C LYS B 116 -1.14 6.05 7.48
N PRO B 117 -1.09 4.73 7.30
CA PRO B 117 -0.52 4.16 6.09
C PRO B 117 -1.22 4.70 4.81
N PHE B 118 -2.50 5.04 4.91
CA PHE B 118 -3.22 5.62 3.77
C PHE B 118 -2.57 6.87 3.18
N LEU B 119 -1.82 7.63 3.97
CA LEU B 119 -1.14 8.80 3.44
C LEU B 119 -0.03 8.44 2.45
N GLU B 120 0.37 7.18 2.41
CA GLU B 120 1.38 6.70 1.46
C GLU B 120 0.78 5.77 0.39
N ILE B 121 -0.14 4.91 0.79
CA ILE B 121 -0.71 3.90 -0.10
C ILE B 121 -1.66 4.48 -1.13
N ALA B 122 -2.51 5.42 -0.73
CA ALA B 122 -3.42 6.07 -1.67
C ALA B 122 -2.57 6.62 -2.80
N PRO B 123 -2.95 6.37 -4.03
CA PRO B 123 -2.14 6.87 -5.13
C PRO B 123 -2.06 8.39 -5.21
N TYR B 124 -3.06 9.13 -4.72
CA TYR B 124 -3.01 10.60 -4.71
C TYR B 124 -3.42 11.17 -3.36
N LEU B 125 -2.68 12.17 -2.91
CA LEU B 125 -3.12 13.09 -1.89
C LEU B 125 -3.47 14.39 -2.56
N ILE B 126 -4.69 14.85 -2.33
CA ILE B 126 -5.10 16.18 -2.75
C ILE B 126 -5.05 17.02 -1.49
N VAL B 127 -4.15 17.98 -1.49
CA VAL B 127 -4.05 18.94 -0.41
C VAL B 127 -4.65 20.25 -0.88
N VAL B 128 -5.72 20.68 -0.22
CA VAL B 128 -6.39 21.92 -0.51
C VAL B 128 -5.89 23.05 0.35
N PHE B 129 -5.50 24.15 -0.29
CA PHE B 129 -5.10 25.37 0.38
C PHE B 129 -6.11 26.50 0.18
N ARG B 130 -6.41 27.25 1.23
CA ARG B 130 -7.17 28.49 1.09
C ARG B 130 -6.26 29.72 0.91
N LYS B 131 -6.71 30.69 0.10
CA LYS B 131 -5.98 31.91 -0.20
C LYS B 131 -6.64 33.08 0.47
N ALA B 132 -6.09 33.54 1.60
CA ALA B 132 -6.73 34.61 2.35
C ALA B 132 -6.74 35.95 1.58
N TYR B 133 -5.73 36.15 0.72
CA TYR B 133 -5.72 37.30 -0.18
C TYR B 133 -4.91 36.97 -1.44
N ASP B 134 -5.11 37.78 -2.48
CA ASP B 134 -4.40 37.63 -3.74
C ASP B 134 -3.27 38.66 -3.78
N VAL B 135 -2.38 38.51 -4.75
CA VAL B 135 -1.23 39.39 -4.89
C VAL B 135 -1.06 39.91 -6.33
N LEU B 136 -1.34 41.20 -6.55
CA LEU B 136 -1.08 41.82 -7.85
C LEU B 136 0.46 41.78 -8.08
N PRO B 137 0.90 41.43 -9.31
CA PRO B 137 2.35 41.25 -9.56
C PRO B 137 3.20 42.39 -9.02
N ASP B 138 2.62 43.58 -8.92
CA ASP B 138 3.29 44.77 -8.37
C ASP B 138 3.42 44.76 -6.84
N GLY B 139 2.98 43.66 -6.20
CA GLY B 139 3.22 43.46 -4.78
C GLY B 139 2.13 43.87 -3.79
N THR B 140 1.19 44.73 -4.18
CA THR B 140 0.07 45.03 -3.29
C THR B 140 -0.86 43.80 -3.13
N GLN B 141 -1.72 43.87 -2.12
CA GLN B 141 -2.53 42.74 -1.71
C GLN B 141 -4.03 43.05 -1.75
N ARG B 142 -4.77 42.19 -2.46
CA ARG B 142 -6.22 42.31 -2.55
C ARG B 142 -6.86 41.18 -1.76
N LYS B 143 -7.57 41.56 -0.70
CA LYS B 143 -8.26 40.58 0.13
C LYS B 143 -9.29 39.78 -0.67
N ASN B 144 -9.57 38.61 -0.16
CA ASN B 144 -10.57 37.74 -0.73
C ASN B 144 -11.74 37.77 0.22
N TYR B 145 -12.88 37.23 -0.22
CA TYR B 145 -14.09 37.28 0.59
C TYR B 145 -14.68 35.91 0.83
N TYR B 146 -15.08 35.72 2.08
CA TYR B 146 -15.74 34.51 2.52
C TYR B 146 -14.94 33.30 2.03
N VAL B 147 -13.67 33.31 2.37
CA VAL B 147 -12.75 32.34 1.85
C VAL B 147 -13.08 30.98 2.40
N GLN B 148 -13.24 30.89 3.73
CA GLN B 148 -13.54 29.63 4.39
C GLN B 148 -14.77 28.97 3.80
N GLU B 149 -15.84 29.76 3.64
CA GLU B 149 -17.07 29.25 3.05
C GLU B 149 -16.85 28.79 1.61
N SER B 150 -16.14 29.60 0.84
CA SER B 150 -15.91 29.32 -0.57
C SER B 150 -15.14 28.01 -0.80
N VAL B 151 -14.09 27.84 -0.02
CA VAL B 151 -13.20 26.72 -0.18
C VAL B 151 -13.89 25.44 0.34
N GLY B 152 -14.67 25.57 1.41
CA GLY B 152 -15.46 24.47 1.89
C GLY B 152 -16.46 23.96 0.82
N ILE B 153 -17.13 24.89 0.11
CA ILE B 153 -18.02 24.49 -0.99
C ILE B 153 -17.24 23.81 -2.10
N ALA B 154 -16.09 24.34 -2.47
CA ALA B 154 -15.26 23.66 -3.48
C ALA B 154 -14.88 22.24 -3.05
N CYS B 155 -14.60 22.05 -1.75
CA CYS B 155 -14.30 20.73 -1.21
C CYS B 155 -15.47 19.80 -1.30
N GLY B 156 -16.67 20.38 -1.15
CA GLY B 156 -17.88 19.61 -1.37
C GLY B 156 -17.96 19.16 -2.83
N PHE B 157 -17.68 20.06 -3.76
CA PHE B 157 -17.68 19.71 -5.17
C PHE B 157 -16.62 18.61 -5.47
N LEU B 158 -15.43 18.73 -4.86
CA LEU B 158 -14.39 17.73 -5.00
C LEU B 158 -14.88 16.34 -4.63
N LEU B 159 -15.45 16.21 -3.43
CA LEU B 159 -15.91 14.93 -2.93
C LEU B 159 -17.05 14.36 -3.71
N ALA B 160 -17.90 15.24 -4.21
CA ALA B 160 -18.98 14.82 -5.07
C ALA B 160 -18.44 14.24 -6.37
N ALA B 161 -17.44 14.90 -6.93
CA ALA B 161 -16.84 14.46 -8.20
C ALA B 161 -16.08 13.16 -7.99
N ILE B 162 -15.43 13.02 -6.83
CA ILE B 162 -14.74 11.78 -6.51
C ILE B 162 -15.72 10.61 -6.47
N HIS B 163 -16.87 10.81 -5.84
CA HIS B 163 -17.87 9.77 -5.73
C HIS B 163 -18.45 9.40 -7.11
N GLN B 164 -18.66 10.42 -7.92
CA GLN B 164 -19.23 10.26 -9.25
C GLN B 164 -18.28 9.47 -10.17
N ALA B 165 -16.98 9.59 -9.95
CA ALA B 165 -15.98 8.84 -10.73
C ALA B 165 -15.78 7.38 -10.25
N GLY B 166 -16.42 7.00 -9.16
CA GLY B 166 -16.31 5.65 -8.64
C GLY B 166 -15.17 5.43 -7.66
N LEU B 167 -14.54 6.51 -7.23
CA LEU B 167 -13.47 6.45 -6.27
C LEU B 167 -13.92 6.72 -4.85
N VAL B 168 -12.96 6.68 -3.93
CA VAL B 168 -13.20 6.94 -2.53
C VAL B 168 -12.14 7.86 -2.00
N ALA B 169 -12.46 8.45 -0.84
CA ALA B 169 -11.61 9.44 -0.25
C ALA B 169 -11.72 9.40 1.24
N LEU B 170 -10.75 10.04 1.88
CA LEU B 170 -10.78 10.25 3.29
C LEU B 170 -10.57 11.73 3.52
N THR B 171 -11.60 12.43 3.99
CA THR B 171 -11.42 13.82 4.40
C THR B 171 -10.64 13.88 5.71
N HIS B 172 -9.49 14.50 5.68
CA HIS B 172 -8.57 14.47 6.82
C HIS B 172 -8.15 15.88 7.22
N THR B 173 -7.97 16.09 8.52
CA THR B 173 -7.47 17.38 9.03
CA THR B 173 -7.45 17.37 9.04
C THR B 173 -6.11 17.73 8.39
N PRO B 174 -5.87 19.02 8.15
CA PRO B 174 -4.64 19.38 7.44
C PRO B 174 -3.44 19.48 8.41
N SER B 175 -3.06 18.36 9.00
CA SER B 175 -2.01 18.38 10.00
C SER B 175 -0.75 17.61 9.54
N PRO B 176 0.45 18.04 9.96
CA PRO B 176 0.78 19.31 10.63
C PRO B 176 0.77 20.43 9.60
N MET B 177 0.06 21.51 9.89
CA MET B 177 -0.07 22.60 8.95
C MET B 177 1.26 23.11 8.44
N ASN B 178 2.15 23.48 9.35
CA ASN B 178 3.39 24.13 8.97
C ASN B 178 4.24 23.28 8.05
N PHE B 179 4.25 21.98 8.28
CA PHE B 179 5.04 21.07 7.48
C PHE B 179 4.48 20.86 6.04
N LEU B 180 3.16 20.76 5.92
CA LEU B 180 2.54 20.70 4.60
C LEU B 180 2.87 21.95 3.79
N GLN B 181 2.89 23.06 4.50
CA GLN B 181 3.07 24.34 3.87
C GLN B 181 4.48 24.44 3.29
N LYS B 182 5.44 23.87 4.02
CA LYS B 182 6.86 23.92 3.63
C LYS B 182 7.16 22.89 2.54
N ILE B 183 6.84 21.64 2.80
CA ILE B 183 7.14 20.59 1.84
C ILE B 183 6.41 20.79 0.49
N LEU B 184 5.27 21.47 0.48
CA LEU B 184 4.56 21.73 -0.78
C LEU B 184 4.79 23.17 -1.28
N GLN B 185 5.60 23.92 -0.54
CA GLN B 185 6.19 25.16 -1.04
C GLN B 185 5.15 26.18 -1.46
N ARG B 186 4.13 26.36 -0.63
CA ARG B 186 3.08 27.31 -0.97
C ARG B 186 3.35 28.63 -0.28
N PRO B 187 3.16 29.75 -1.01
CA PRO B 187 3.48 31.09 -0.51
C PRO B 187 2.65 31.52 0.70
N GLU B 188 2.92 32.72 1.20
CA GLU B 188 2.41 33.17 2.49
C GLU B 188 0.91 33.46 2.53
N ASN B 189 0.33 33.85 1.39
CA ASN B 189 -1.12 34.07 1.34
C ASN B 189 -1.96 32.78 1.40
N GLU B 190 -1.31 31.61 1.33
CA GLU B 190 -2.01 30.32 1.42
C GLU B 190 -1.84 29.59 2.75
N ARG B 191 -2.88 28.86 3.17
CA ARG B 191 -2.81 27.97 4.33
C ARG B 191 -3.50 26.67 3.97
N PRO B 192 -3.01 25.54 4.51
CA PRO B 192 -3.67 24.26 4.28
C PRO B 192 -5.07 24.25 4.87
N PHE B 193 -6.03 23.66 4.16
CA PHE B 193 -7.44 23.67 4.55
C PHE B 193 -7.92 22.26 4.84
N LEU B 194 -7.67 21.35 3.89
CA LEU B 194 -7.98 19.94 4.04
C LEU B 194 -6.96 19.06 3.36
N LEU B 195 -6.83 17.86 3.87
CA LEU B 195 -6.00 16.83 3.26
C LEU B 195 -6.88 15.64 2.83
N VAL B 196 -6.81 15.29 1.56
CA VAL B 196 -7.74 14.32 0.99
C VAL B 196 -7.05 13.20 0.21
N PRO B 197 -6.73 12.10 0.87
CA PRO B 197 -6.29 10.93 0.09
C PRO B 197 -7.38 10.36 -0.79
N VAL B 198 -7.05 9.99 -2.02
CA VAL B 198 -8.00 9.55 -3.01
C VAL B 198 -7.49 8.24 -3.64
N GLY B 199 -8.38 7.26 -3.85
CA GLY B 199 -8.03 6.03 -4.56
C GLY B 199 -9.20 5.06 -4.72
N TYR B 200 -8.98 3.90 -5.36
CA TYR B 200 -9.88 2.76 -5.20
C TYR B 200 -9.86 2.30 -3.77
N PRO B 201 -10.96 1.75 -3.28
CA PRO B 201 -10.95 1.21 -1.93
C PRO B 201 -10.25 -0.15 -1.89
N ALA B 202 -9.69 -0.53 -0.74
CA ALA B 202 -9.10 -1.85 -0.63
C ALA B 202 -10.19 -2.91 -0.61
N GLU B 203 -9.99 -4.01 -1.34
CA GLU B 203 -10.85 -5.18 -1.17
C GLU B 203 -11.10 -5.46 0.31
N GLY B 204 -12.34 -5.72 0.66
CA GLY B 204 -12.69 -5.88 2.07
C GLY B 204 -12.42 -4.65 2.93
N ALA B 205 -12.36 -3.47 2.31
CA ALA B 205 -12.38 -2.23 3.08
C ALA B 205 -13.59 -2.25 4.04
N MET B 206 -13.36 -1.87 5.29
CA MET B 206 -14.41 -1.83 6.29
C MET B 206 -14.72 -0.38 6.66
N VAL B 207 -15.96 -0.12 7.06
CA VAL B 207 -16.40 1.21 7.44
C VAL B 207 -17.20 1.11 8.71
N PRO B 208 -17.05 2.09 9.61
CA PRO B 208 -17.87 2.02 10.82
C PRO B 208 -19.35 2.03 10.52
N ASP B 209 -20.12 1.28 11.29
CA ASP B 209 -21.55 1.18 11.06
C ASP B 209 -22.26 2.39 11.66
N LEU B 210 -22.42 3.45 10.88
CA LEU B 210 -22.97 4.70 11.38
C LEU B 210 -24.35 4.94 10.83
N GLN B 211 -25.16 5.66 11.60
CA GLN B 211 -26.43 6.14 11.11
C GLN B 211 -26.39 7.65 10.93
N ARG B 212 -26.90 8.10 9.78
CA ARG B 212 -27.02 9.53 9.52
C ARG B 212 -28.32 10.04 10.11
N LYS B 213 -28.35 11.31 10.52
CA LYS B 213 -29.56 11.92 11.07
C LYS B 213 -30.71 11.86 10.09
N ASP B 214 -31.92 11.71 10.60
CA ASP B 214 -33.08 11.78 9.73
C ASP B 214 -33.51 13.24 9.55
N LYS B 215 -34.52 13.41 8.72
CA LYS B 215 -35.04 14.70 8.27
C LYS B 215 -35.35 15.63 9.45
N ALA B 216 -36.03 15.13 10.48
CA ALA B 216 -36.46 15.96 11.60
C ALA B 216 -35.31 16.56 12.40
N ALA B 217 -34.18 15.86 12.43
CA ALA B 217 -33.02 16.32 13.16
C ALA B 217 -32.17 17.36 12.41
N VAL B 218 -32.25 17.42 11.08
CA VAL B 218 -31.43 18.39 10.33
C VAL B 218 -32.22 19.47 9.59
N MET B 219 -33.52 19.32 9.51
CA MET B 219 -34.30 20.17 8.63
C MET B 219 -35.54 20.68 9.33
N VAL B 220 -35.76 21.97 9.17
CA VAL B 220 -36.82 22.74 9.79
C VAL B 220 -37.52 23.52 8.68
N VAL B 221 -38.84 23.51 8.64
CA VAL B 221 -39.58 24.10 7.52
C VAL B 221 -40.61 25.13 7.96
N TYR B 222 -40.47 26.37 7.50
CA TYR B 222 -41.50 27.38 7.65
C TYR B 222 -42.43 27.36 6.43
N HIS B 223 -43.56 26.66 6.59
CA HIS B 223 -44.57 26.43 5.55
C HIS B 223 -45.44 27.62 5.11
N HIS B 224 -46.14 27.40 3.98
CA HIS B 224 -47.31 28.16 3.49
C HIS B 224 -46.88 29.33 2.63
N1 FMN C . 17.67 -7.71 -3.45
C2 FMN C . 17.52 -6.48 -2.84
O2 FMN C . 16.99 -5.51 -3.42
N3 FMN C . 17.96 -6.33 -1.56
C4 FMN C . 18.53 -7.38 -0.88
O4 FMN C . 18.90 -7.24 0.28
C4A FMN C . 18.69 -8.61 -1.49
N5 FMN C . 19.29 -9.65 -0.78
C5A FMN C . 19.40 -10.90 -1.37
C6 FMN C . 19.97 -11.94 -0.64
C7 FMN C . 20.11 -13.18 -1.19
C7M FMN C . 20.73 -14.27 -0.34
C8 FMN C . 19.63 -13.40 -2.49
C8M FMN C . 19.76 -14.76 -3.10
C9 FMN C . 19.10 -12.36 -3.22
C9A FMN C . 18.96 -11.09 -2.67
N10 FMN C . 18.40 -10.02 -3.39
C10 FMN C . 18.27 -8.78 -2.79
C1' FMN C . 17.88 -10.15 -4.80
C2' FMN C . 18.97 -10.05 -5.86
O2' FMN C . 19.40 -8.73 -6.09
C3' FMN C . 18.47 -10.66 -7.17
O3' FMN C . 18.15 -11.99 -6.87
C4' FMN C . 19.44 -10.59 -8.33
O4' FMN C . 19.58 -9.24 -8.73
C5' FMN C . 19.00 -11.43 -9.54
O5' FMN C . 17.70 -11.05 -9.95
P FMN C . 16.60 -12.20 -10.18
O1P FMN C . 16.33 -12.87 -8.89
O2P FMN C . 17.26 -13.17 -11.14
O3P FMN C . 15.38 -11.53 -10.77
HN3 FMN C . 17.86 -5.40 -1.09
H6 FMN C . 20.31 -11.76 0.38
HM71 FMN C . 20.76 -15.21 -0.90
HM72 FMN C . 20.15 -14.41 0.57
HM73 FMN C . 21.75 -13.98 -0.08
HM81 FMN C . 19.37 -14.74 -4.12
HM82 FMN C . 19.18 -15.47 -2.50
HM83 FMN C . 20.81 -15.06 -3.11
H9 FMN C . 18.79 -12.53 -4.26
H1'1 FMN C . 17.13 -9.37 -4.98
H1'2 FMN C . 17.38 -11.11 -4.90
H2' FMN C . 19.82 -10.63 -5.53
HO2' FMN C . 19.28 -8.52 -7.04
H3' FMN C . 17.56 -10.14 -7.47
HO3' FMN C . 18.63 -12.59 -7.47
H4' FMN C . 20.41 -10.97 -7.99
HO4' FMN C . 19.37 -9.14 -9.68
H5'1 FMN C . 19.01 -12.49 -9.27
H5'2 FMN C . 19.70 -11.28 -10.36
CG 6X8 D . 20.78 -6.15 -3.94
CD 6X8 D . 22.10 -5.89 -1.52
CE 6X8 D . 22.10 -7.12 -2.17
CH 6X8 D . 20.77 -4.91 -3.29
CC 6X8 D . 21.43 -4.78 -2.07
CF 6X8 D . 21.44 -7.25 -3.39
OF 6X8 D . 21.45 -8.31 -3.98
IE 6X8 D . 23.08 -8.67 -1.38
N1 FMN E . -11.55 11.28 9.64
C2 FMN E . -10.39 10.79 10.18
O2 FMN E . -10.24 9.57 10.33
N3 FMN E . -9.42 11.68 10.56
C4 FMN E . -9.61 13.03 10.39
O4 FMN E . -8.73 13.82 10.70
C4A FMN E . -10.78 13.51 9.85
N5 FMN E . -10.97 14.87 9.72
C5A FMN E . -12.14 15.33 9.11
C6 FMN E . -12.32 16.70 8.92
C7 FMN E . -13.48 17.19 8.34
C7M FMN E . -13.64 18.67 8.15
C8 FMN E . -14.46 16.28 7.96
C8M FMN E . -15.74 16.77 7.31
C9 FMN E . -14.28 14.92 8.13
C9A FMN E . -13.14 14.42 8.73
N10 FMN E . -12.94 13.05 8.90
C10 FMN E . -11.75 12.61 9.45
C1' FMN E . -13.94 12.00 8.47
C2' FMN E . -15.13 11.79 9.42
O2' FMN E . -14.72 11.08 10.57
C3' FMN E . -16.29 11.06 8.72
O3' FMN E . -16.71 11.86 7.66
C4' FMN E . -17.45 10.71 9.66
O4' FMN E . -17.01 9.66 10.48
C5' FMN E . -18.70 10.27 8.93
O5' FMN E . -18.38 9.27 7.98
P FMN E . -19.04 9.24 6.50
O1P FMN E . -18.80 7.92 5.78
O2P FMN E . -18.26 10.28 5.72
O3P FMN E . -20.51 9.54 6.42
HN3 FMN E . -8.53 11.33 10.98
H6 FMN E . -11.53 17.39 9.22
HM71 FMN E . -14.61 18.87 7.68
HM72 FMN E . -12.85 19.04 7.50
HM73 FMN E . -13.59 19.18 9.12
HM81 FMN E . -16.36 15.92 7.06
HM82 FMN E . -15.49 17.33 6.41
HM83 FMN E . -16.27 17.42 8.01
H9 FMN E . -15.06 14.23 7.79
H1'1 FMN E . -13.42 11.05 8.34
H1'2 FMN E . -14.34 12.27 7.49
H2' FMN E . -15.48 12.77 9.73
HO2' FMN E . -15.27 10.27 10.66
H3' FMN E . -15.90 10.12 8.33
HO3' FMN E . -17.67 12.03 7.74
H4' FMN E . -17.68 11.59 10.27
HO4' FMN E . -17.61 8.89 10.38
H5'1 FMN E . -19.16 11.13 8.43
H5'2 FMN E . -19.42 9.88 9.64
CG 6X8 F . -11.89 11.47 13.02
CD 6X8 F . -10.26 13.57 13.84
CE 6X8 F . -11.55 13.83 13.37
CH 6X8 F . -10.61 11.20 13.51
CC 6X8 F . -9.79 12.25 13.92
CF 6X8 F . -12.37 12.79 12.95
OF 6X8 F . -13.55 12.94 12.49
IE 6X8 F . -12.11 15.75 13.32
#